data_7UQ1
#
_entry.id   7UQ1
#
_cell.length_a   41.843
_cell.length_b   54.289
_cell.length_c   81.824
_cell.angle_alpha   90.000
_cell.angle_beta   90.000
_cell.angle_gamma   90.000
#
_symmetry.space_group_name_H-M   'P 21 21 21'
#
loop_
_entity.id
_entity.type
_entity.pdbx_description
1 polymer 'Fatty Acid Kinase A'
2 non-polymer 'ADENOSINE MONOPHOSPHATE'
3 non-polymer GLYCEROL
4 non-polymer 'MAGNESIUM ION'
5 water water
#
_entity_poly.entity_id   1
_entity_poly.type   'polypeptide(L)'
_entity_poly.pdbx_seq_one_letter_code
;MGSSHHHHHHSSGLVPRGSHMISKINGKLFADMIIQGAQNLSNNADLVDSLNVYPVPDGDTGTNMNLTMTSGREEVENNL
SKNIGELGKTFSKGLLMGARGNSGVILSQLFRGFCKNIESESEINSKLLAESFQAGVETAYKAVMKPVEGTILTVAKDAA
QAAIEKANNTEDCIELMEYIIVKANESLENTPNLLAVLKEVGVVDSGGKGLLCVYEGFLKALKGEKVE
;
_entity_poly.pdbx_strand_id   A
#
loop_
_chem_comp.id
_chem_comp.type
_chem_comp.name
_chem_comp.formula
AMP non-polymer 'ADENOSINE MONOPHOSPHATE' 'C10 H14 N5 O7 P'
GOL non-polymer GLYCEROL 'C3 H8 O3'
MG non-polymer 'MAGNESIUM ION' 'Mg 2'
#
# COMPACT_ATOMS: atom_id res chain seq x y z
N GLY A 18 27.55 4.00 -4.07
CA GLY A 18 27.19 3.49 -2.76
C GLY A 18 27.59 2.04 -2.56
N SER A 19 26.60 1.18 -2.28
CA SER A 19 26.82 -0.24 -2.09
C SER A 19 25.50 -0.99 -1.90
N HIS A 20 24.88 -0.83 -0.73
CA HIS A 20 23.68 -1.58 -0.37
C HIS A 20 22.39 -0.77 -0.60
N MET A 21 22.41 0.15 -1.55
CA MET A 21 21.24 0.93 -1.90
C MET A 21 20.47 0.28 -3.04
N ILE A 22 19.22 0.70 -3.21
CA ILE A 22 18.35 0.21 -4.28
C ILE A 22 18.12 1.36 -5.24
N SER A 23 18.71 1.27 -6.43
CA SER A 23 18.52 2.31 -7.45
C SER A 23 17.35 2.01 -8.37
N LYS A 24 17.11 0.74 -8.67
CA LYS A 24 16.01 0.34 -9.53
C LYS A 24 15.34 -0.89 -8.95
N ILE A 25 14.04 -1.00 -9.19
CA ILE A 25 13.20 -2.09 -8.72
C ILE A 25 12.74 -2.85 -9.95
N ASN A 26 13.19 -4.10 -10.10
CA ASN A 26 12.75 -4.93 -11.21
C ASN A 26 11.51 -5.74 -10.77
N GLY A 27 11.05 -6.63 -11.63
CA GLY A 27 9.81 -7.34 -11.34
C GLY A 27 9.91 -8.29 -10.17
N LYS A 28 11.08 -8.90 -9.96
CA LYS A 28 11.21 -9.82 -8.84
C LYS A 28 11.29 -9.06 -7.51
N LEU A 29 11.97 -7.91 -7.51
CA LEU A 29 11.98 -7.08 -6.30
C LEU A 29 10.57 -6.60 -5.96
N PHE A 30 9.78 -6.21 -6.98
CA PHE A 30 8.39 -5.81 -6.73
C PHE A 30 7.57 -6.99 -6.22
N ALA A 31 7.78 -8.18 -6.79
CA ALA A 31 7.11 -9.37 -6.27
C ALA A 31 7.48 -9.61 -4.82
N ASP A 32 8.76 -9.38 -4.47
CA ASP A 32 9.17 -9.51 -3.08
C ASP A 32 8.44 -8.51 -2.18
N MET A 33 8.31 -7.26 -2.62
CA MET A 33 7.56 -6.30 -1.82
C MET A 33 6.10 -6.70 -1.68
N ILE A 34 5.51 -7.26 -2.75
CA ILE A 34 4.13 -7.73 -2.67
C ILE A 34 4.01 -8.89 -1.68
N ILE A 35 4.96 -9.83 -1.74
CA ILE A 35 4.88 -11.01 -0.88
C ILE A 35 5.09 -10.62 0.58
N GLN A 36 6.09 -9.79 0.85
CA GLN A 36 6.35 -9.42 2.24
C GLN A 36 5.31 -8.45 2.76
N GLY A 37 4.77 -7.58 1.90
CA GLY A 37 3.67 -6.72 2.32
C GLY A 37 2.41 -7.51 2.65
N ALA A 38 2.10 -8.53 1.84
CA ALA A 38 0.97 -9.39 2.13
C ALA A 38 1.21 -10.20 3.40
N GLN A 39 2.44 -10.68 3.59
CA GLN A 39 2.72 -11.49 4.78
C GLN A 39 2.67 -10.65 6.04
N ASN A 40 3.16 -9.42 5.99
CA ASN A 40 3.11 -8.56 7.18
C ASN A 40 1.67 -8.17 7.49
N LEU A 41 0.87 -7.91 6.48
CA LEU A 41 -0.55 -7.63 6.71
C LEU A 41 -1.25 -8.83 7.32
N SER A 42 -0.94 -10.04 6.81
CA SER A 42 -1.55 -11.24 7.37
C SER A 42 -1.17 -11.43 8.83
N ASN A 43 0.07 -11.10 9.17
CA ASN A 43 0.52 -11.23 10.55
C ASN A 43 -0.18 -10.23 11.48
N ASN A 44 -0.69 -9.13 10.95
CA ASN A 44 -1.36 -8.11 11.75
C ASN A 44 -2.85 -8.04 11.50
N ALA A 45 -3.42 -9.02 10.81
CA ALA A 45 -4.83 -8.93 10.41
C ALA A 45 -5.75 -8.84 11.62
N ASP A 46 -5.43 -9.56 12.69
CA ASP A 46 -6.29 -9.53 13.86
C ASP A 46 -6.28 -8.16 14.54
N LEU A 47 -5.12 -7.51 14.58
CA LEU A 47 -5.05 -6.18 15.16
C LEU A 47 -5.86 -5.18 14.33
N VAL A 48 -5.67 -5.22 13.01
CA VAL A 48 -6.42 -4.31 12.13
C VAL A 48 -7.91 -4.57 12.26
N ASP A 49 -8.30 -5.84 12.42
CA ASP A 49 -9.71 -6.17 12.66
C ASP A 49 -10.24 -5.48 13.91
N SER A 50 -9.47 -5.52 14.99
CA SER A 50 -9.91 -4.99 16.28
C SER A 50 -10.11 -3.48 16.24
N LEU A 51 -9.53 -2.79 15.27
CA LEU A 51 -9.64 -1.34 15.17
C LEU A 51 -10.87 -0.89 14.38
N ASN A 52 -11.54 -1.79 13.67
CA ASN A 52 -12.53 -1.42 12.66
C ASN A 52 -13.81 -0.93 13.34
N VAL A 53 -13.99 0.39 13.38
CA VAL A 53 -15.20 0.99 13.91
C VAL A 53 -15.95 1.82 12.88
N TYR A 54 -15.39 2.03 11.68
CA TYR A 54 -15.97 2.90 10.67
C TYR A 54 -15.87 2.20 9.31
N PRO A 55 -16.91 2.30 8.46
CA PRO A 55 -18.20 2.99 8.66
C PRO A 55 -19.14 2.18 9.56
N VAL A 56 -19.12 0.86 9.44
CA VAL A 56 -19.84 -0.01 10.37
C VAL A 56 -18.80 -0.67 11.26
N PRO A 57 -19.02 -0.74 12.58
CA PRO A 57 -18.01 -1.35 13.47
C PRO A 57 -18.10 -2.87 13.50
N ASP A 58 -17.83 -3.50 12.35
CA ASP A 58 -18.00 -4.94 12.23
C ASP A 58 -16.69 -5.71 12.37
N GLY A 59 -15.60 -5.04 12.73
CA GLY A 59 -14.35 -5.71 13.10
C GLY A 59 -13.80 -6.66 12.05
N ASP A 60 -13.74 -6.23 10.79
CA ASP A 60 -13.35 -7.15 9.72
C ASP A 60 -12.36 -6.53 8.73
N THR A 61 -11.84 -5.33 8.99
CA THR A 61 -10.96 -4.68 8.02
C THR A 61 -9.72 -5.50 7.74
N GLY A 62 -9.12 -6.07 8.79
CA GLY A 62 -7.91 -6.87 8.59
C GLY A 62 -8.18 -8.09 7.74
N THR A 63 -9.23 -8.84 8.07
CA THR A 63 -9.63 -9.99 7.27
C THR A 63 -9.89 -9.56 5.82
N ASN A 64 -10.62 -8.47 5.62
CA ASN A 64 -10.94 -8.02 4.27
C ASN A 64 -9.68 -7.67 3.48
N MET A 65 -8.79 -6.90 4.09
CA MET A 65 -7.57 -6.52 3.38
C MET A 65 -6.65 -7.72 3.19
N ASN A 66 -6.57 -8.60 4.20
CA ASN A 66 -5.75 -9.80 4.09
C ASN A 66 -6.20 -10.68 2.94
N LEU A 67 -7.50 -10.90 2.81
CA LEU A 67 -8.02 -11.75 1.75
C LEU A 67 -7.79 -11.12 0.38
N THR A 68 -7.98 -9.81 0.29
CA THR A 68 -7.72 -9.09 -0.95
C THR A 68 -6.26 -9.23 -1.38
N MET A 69 -5.35 -8.90 -0.45
CA MET A 69 -3.93 -8.97 -0.80
C MET A 69 -3.45 -10.39 -1.04
N THR A 70 -4.02 -11.38 -0.34
CA THR A 70 -3.63 -12.76 -0.62
C THR A 70 -3.99 -13.15 -2.05
N SER A 71 -5.10 -12.64 -2.55
CA SER A 71 -5.48 -12.89 -3.95
C SER A 71 -4.42 -12.37 -4.90
N GLY A 72 -3.98 -11.12 -4.70
CA GLY A 72 -2.90 -10.59 -5.51
C GLY A 72 -1.59 -11.35 -5.31
N ARG A 73 -1.30 -11.70 -4.06
CA ARG A 73 -0.05 -12.42 -3.77
C ARG A 73 -0.03 -13.79 -4.44
N GLU A 74 -1.15 -14.50 -4.43
CA GLU A 74 -1.19 -15.83 -5.03
C GLU A 74 -1.00 -15.76 -6.54
N GLU A 75 -1.60 -14.75 -7.18
CA GLU A 75 -1.39 -14.57 -8.62
C GLU A 75 0.07 -14.31 -8.93
N VAL A 76 0.72 -13.45 -8.15
CA VAL A 76 2.12 -13.09 -8.40
C VAL A 76 3.02 -14.30 -8.21
N GLU A 77 2.83 -15.03 -7.12
CA GLU A 77 3.68 -16.17 -6.82
C GLU A 77 3.61 -17.24 -7.90
N ASN A 78 2.48 -17.31 -8.61
CA ASN A 78 2.30 -18.31 -9.65
C ASN A 78 2.74 -17.83 -11.03
N ASN A 79 2.92 -16.52 -11.22
CA ASN A 79 3.30 -15.96 -12.51
C ASN A 79 4.38 -14.91 -12.28
N LEU A 80 5.57 -15.35 -11.86
CA LEU A 80 6.64 -14.41 -11.61
C LEU A 80 7.22 -13.88 -12.92
N SER A 81 7.76 -12.67 -12.86
CA SER A 81 8.38 -12.04 -14.01
C SER A 81 9.41 -11.04 -13.51
N LYS A 82 10.50 -10.89 -14.25
CA LYS A 82 11.45 -9.84 -13.91
C LYS A 82 11.07 -8.50 -14.50
N ASN A 83 10.10 -8.47 -15.42
CA ASN A 83 9.56 -7.25 -15.98
C ASN A 83 8.52 -6.71 -15.02
N ILE A 84 8.81 -5.57 -14.38
CA ILE A 84 7.92 -5.06 -13.34
C ILE A 84 6.56 -4.70 -13.91
N GLY A 85 6.51 -4.21 -15.15
CA GLY A 85 5.23 -3.85 -15.73
C GLY A 85 4.30 -5.03 -15.89
N GLU A 86 4.84 -6.17 -16.31
CA GLU A 86 4.01 -7.37 -16.44
C GLU A 86 3.67 -7.96 -15.09
N LEU A 87 4.62 -7.95 -14.15
CA LEU A 87 4.32 -8.39 -12.79
C LEU A 87 3.21 -7.54 -12.18
N GLY A 88 3.24 -6.22 -12.42
CA GLY A 88 2.21 -5.35 -11.90
C GLY A 88 0.83 -5.65 -12.46
N LYS A 89 0.77 -6.05 -13.73
CA LYS A 89 -0.52 -6.47 -14.30
C LYS A 89 -1.05 -7.70 -13.58
N THR A 90 -0.18 -8.68 -13.33
CA THR A 90 -0.59 -9.88 -12.62
C THR A 90 -1.08 -9.55 -11.21
N PHE A 91 -0.34 -8.69 -10.52
CA PHE A 91 -0.71 -8.29 -9.17
C PHE A 91 -2.04 -7.54 -9.17
N SER A 92 -2.18 -6.58 -10.09
CA SER A 92 -3.38 -5.75 -10.15
C SER A 92 -4.63 -6.60 -10.38
N LYS A 93 -4.55 -7.54 -11.33
CA LYS A 93 -5.71 -8.39 -11.61
C LYS A 93 -6.07 -9.24 -10.41
N GLY A 94 -5.05 -9.77 -9.71
CA GLY A 94 -5.31 -10.58 -8.53
C GLY A 94 -6.08 -9.84 -7.47
N LEU A 95 -5.73 -8.58 -7.21
CA LEU A 95 -6.44 -7.78 -6.22
C LEU A 95 -7.84 -7.45 -6.68
N LEU A 96 -7.98 -7.07 -7.96
CA LEU A 96 -9.27 -6.58 -8.45
C LEU A 96 -10.31 -7.69 -8.55
N MET A 97 -9.90 -8.93 -8.74
CA MET A 97 -10.84 -10.04 -8.78
C MET A 97 -11.04 -10.71 -7.42
N GLY A 98 -10.62 -10.07 -6.34
CA GLY A 98 -10.83 -10.64 -5.02
C GLY A 98 -11.03 -9.58 -3.95
N ALA A 99 -11.40 -8.38 -4.37
CA ALA A 99 -11.46 -7.25 -3.46
C ALA A 99 -12.66 -7.39 -2.52
N ARG A 100 -12.41 -7.33 -1.22
CA ARG A 100 -13.44 -7.52 -0.20
C ARG A 100 -13.55 -6.30 0.68
N GLY A 101 -14.78 -5.85 0.91
CA GLY A 101 -15.05 -4.76 1.83
C GLY A 101 -14.63 -3.41 1.27
N ASN A 102 -14.90 -2.37 2.06
CA ASN A 102 -14.46 -1.03 1.68
C ASN A 102 -12.94 -0.99 1.54
N SER A 103 -12.23 -1.61 2.49
CA SER A 103 -10.78 -1.48 2.53
C SER A 103 -10.12 -2.25 1.40
N GLY A 104 -10.61 -3.46 1.10
CA GLY A 104 -10.03 -4.24 0.02
C GLY A 104 -10.30 -3.62 -1.34
N VAL A 105 -11.50 -3.07 -1.52
CA VAL A 105 -11.81 -2.38 -2.77
C VAL A 105 -10.89 -1.19 -2.96
N ILE A 106 -10.72 -0.37 -1.92
CA ILE A 106 -9.85 0.79 -2.05
C ILE A 106 -8.40 0.37 -2.25
N LEU A 107 -7.98 -0.68 -1.53
CA LEU A 107 -6.61 -1.19 -1.72
C LEU A 107 -6.38 -1.66 -3.15
N SER A 108 -7.36 -2.37 -3.72
CA SER A 108 -7.22 -2.84 -5.09
C SER A 108 -7.18 -1.67 -6.08
N GLN A 109 -7.86 -0.57 -5.75
CA GLN A 109 -7.87 0.58 -6.65
C GLN A 109 -6.59 1.40 -6.51
N LEU A 110 -6.06 1.53 -5.28
CA LEU A 110 -4.77 2.17 -5.10
C LEU A 110 -3.71 1.48 -5.94
N PHE A 111 -3.69 0.16 -5.91
CA PHE A 111 -2.65 -0.54 -6.65
C PHE A 111 -3.02 -0.76 -8.12
N ARG A 112 -4.30 -0.63 -8.48
CA ARG A 112 -4.63 -0.58 -9.90
C ARG A 112 -3.95 0.62 -10.55
N GLY A 113 -4.07 1.80 -9.91
CA GLY A 113 -3.43 2.99 -10.45
C GLY A 113 -1.91 2.94 -10.35
N PHE A 114 -1.39 2.40 -9.25
CA PHE A 114 0.05 2.19 -9.12
C PHE A 114 0.60 1.36 -10.27
N CYS A 115 -0.02 0.21 -10.52
CA CYS A 115 0.52 -0.71 -11.53
C CYS A 115 0.28 -0.19 -12.94
N LYS A 116 -0.83 0.50 -13.18
CA LYS A 116 -1.04 1.08 -14.50
C LYS A 116 0.04 2.10 -14.84
N ASN A 117 0.55 2.81 -13.84
CA ASN A 117 1.60 3.80 -14.09
C ASN A 117 2.91 3.20 -14.57
N ILE A 118 3.16 1.92 -14.28
CA ILE A 118 4.43 1.29 -14.62
C ILE A 118 4.26 0.17 -15.64
N GLU A 119 3.12 0.12 -16.34
CA GLU A 119 2.77 -1.09 -17.09
C GLU A 119 3.75 -1.36 -18.23
N SER A 120 4.41 -0.33 -18.76
CA SER A 120 5.33 -0.50 -19.89
C SER A 120 6.79 -0.52 -19.47
N GLU A 121 7.07 -0.66 -18.18
CA GLU A 121 8.43 -0.59 -17.66
C GLU A 121 8.95 -1.98 -17.31
N SER A 122 10.26 -2.17 -17.48
CA SER A 122 10.92 -3.37 -16.98
C SER A 122 11.43 -3.16 -15.55
N GLU A 123 11.91 -1.95 -15.25
CA GLU A 123 12.31 -1.59 -13.90
C GLU A 123 11.97 -0.11 -13.69
N ILE A 124 11.84 0.29 -12.43
CA ILE A 124 11.55 1.68 -12.10
C ILE A 124 12.56 2.19 -11.08
N ASN A 125 12.80 3.50 -11.11
CA ASN A 125 13.67 4.15 -10.14
C ASN A 125 12.83 4.83 -9.06
N SER A 126 13.49 5.57 -8.16
CA SER A 126 12.80 6.11 -7.00
C SER A 126 11.77 7.16 -7.38
N LYS A 127 12.03 7.94 -8.44
CA LYS A 127 11.07 8.97 -8.81
C LYS A 127 9.83 8.38 -9.46
N LEU A 128 9.99 7.32 -10.26
CA LEU A 128 8.84 6.62 -10.79
C LEU A 128 8.08 5.87 -9.72
N LEU A 129 8.78 5.36 -8.70
CA LEU A 129 8.09 4.72 -7.58
C LEU A 129 7.17 5.72 -6.88
N ALA A 130 7.69 6.92 -6.58
CA ALA A 130 6.87 7.93 -5.92
C ALA A 130 5.69 8.35 -6.80
N GLU A 131 5.94 8.55 -8.09
CA GLU A 131 4.88 8.88 -9.03
C GLU A 131 3.80 7.81 -9.07
N SER A 132 4.18 6.55 -8.88
CA SER A 132 3.22 5.47 -8.95
C SER A 132 2.32 5.43 -7.73
N PHE A 133 2.89 5.72 -6.55
CA PHE A 133 2.06 5.89 -5.35
C PHE A 133 1.05 7.02 -5.56
N GLN A 134 1.48 8.13 -6.16
CA GLN A 134 0.57 9.24 -6.40
C GLN A 134 -0.49 8.87 -7.42
N ALA A 135 -0.12 8.12 -8.46
CA ALA A 135 -1.10 7.68 -9.44
C ALA A 135 -2.15 6.79 -8.80
N GLY A 136 -1.74 5.96 -7.84
CA GLY A 136 -2.70 5.12 -7.15
C GLY A 136 -3.68 5.93 -6.32
N VAL A 137 -3.19 6.98 -5.67
CA VAL A 137 -4.08 7.84 -4.89
C VAL A 137 -5.13 8.48 -5.79
N GLU A 138 -4.71 8.95 -6.96
CA GLU A 138 -5.67 9.57 -7.88
C GLU A 138 -6.72 8.57 -8.35
N THR A 139 -6.30 7.34 -8.65
CA THR A 139 -7.26 6.32 -9.08
C THR A 139 -8.25 6.00 -7.96
N ALA A 140 -7.76 5.89 -6.72
CA ALA A 140 -8.64 5.48 -5.62
C ALA A 140 -9.64 6.59 -5.27
N TYR A 141 -9.21 7.84 -5.28
CA TYR A 141 -10.14 8.94 -4.96
C TYR A 141 -11.24 9.03 -6.00
N LYS A 142 -10.91 8.77 -7.27
CA LYS A 142 -11.92 8.82 -8.31
C LYS A 142 -12.88 7.62 -8.22
N ALA A 143 -12.40 6.49 -7.72
CA ALA A 143 -13.21 5.28 -7.67
C ALA A 143 -14.26 5.35 -6.57
N VAL A 144 -13.94 6.01 -5.45
CA VAL A 144 -14.86 6.11 -4.32
C VAL A 144 -15.81 7.27 -4.59
N MET A 145 -17.11 6.97 -4.62
CA MET A 145 -18.10 7.97 -4.98
C MET A 145 -18.13 9.10 -3.95
N LYS A 146 -18.02 8.76 -2.66
CA LYS A 146 -18.11 9.73 -1.58
C LYS A 146 -16.92 9.54 -0.66
N PRO A 147 -15.75 10.08 -1.02
CA PRO A 147 -14.55 9.86 -0.20
C PRO A 147 -14.65 10.60 1.12
N VAL A 148 -14.15 9.95 2.17
CA VAL A 148 -14.18 10.48 3.53
C VAL A 148 -12.75 10.57 4.05
N GLU A 149 -12.42 11.70 4.68
CA GLU A 149 -11.08 11.88 5.22
C GLU A 149 -10.95 11.26 6.61
N GLY A 150 -9.70 11.01 7.00
CA GLY A 150 -9.41 10.26 8.19
C GLY A 150 -9.32 8.77 7.98
N THR A 151 -9.03 8.35 6.74
CA THR A 151 -9.23 6.99 6.29
C THR A 151 -7.99 6.46 5.58
N ILE A 152 -8.13 5.29 4.94
CA ILE A 152 -7.05 4.75 4.12
C ILE A 152 -6.71 5.70 2.97
N LEU A 153 -7.70 6.45 2.49
CA LEU A 153 -7.42 7.42 1.44
C LEU A 153 -6.51 8.53 1.93
N THR A 154 -6.78 9.03 3.13
CA THR A 154 -5.95 10.09 3.72
C THR A 154 -4.52 9.63 3.91
N VAL A 155 -4.35 8.43 4.45
CA VAL A 155 -3.01 7.91 4.71
C VAL A 155 -2.27 7.68 3.39
N ALA A 156 -2.95 7.10 2.39
CA ALA A 156 -2.33 6.90 1.09
C ALA A 156 -1.96 8.24 0.45
N LYS A 157 -2.83 9.25 0.57
CA LYS A 157 -2.55 10.55 -0.01
C LYS A 157 -1.33 11.20 0.64
N ASP A 158 -1.24 11.12 1.96
CA ASP A 158 -0.12 11.76 2.65
C ASP A 158 1.18 10.99 2.42
N ALA A 159 1.09 9.66 2.31
CA ALA A 159 2.29 8.88 1.99
C ALA A 159 2.79 9.21 0.59
N ALA A 160 1.88 9.41 -0.37
CA ALA A 160 2.30 9.75 -1.72
C ALA A 160 2.91 11.15 -1.78
N GLN A 161 2.30 12.11 -1.09
CA GLN A 161 2.90 13.45 -1.03
C GLN A 161 4.31 13.39 -0.48
N ALA A 162 4.54 12.57 0.56
CA ALA A 162 5.89 12.43 1.11
C ALA A 162 6.83 11.78 0.11
N ALA A 163 6.35 10.75 -0.60
CA ALA A 163 7.16 10.06 -1.58
C ALA A 163 7.66 11.01 -2.66
N ILE A 164 6.76 11.85 -3.17
CA ILE A 164 7.12 12.74 -4.26
C ILE A 164 8.14 13.76 -3.80
N GLU A 165 7.92 14.33 -2.60
CA GLU A 165 8.85 15.34 -2.08
C GLU A 165 10.23 14.74 -1.83
N LYS A 166 10.28 13.54 -1.27
CA LYS A 166 11.57 12.93 -0.94
C LYS A 166 12.31 12.47 -2.20
N ALA A 167 11.59 11.95 -3.20
CA ALA A 167 12.24 11.30 -4.33
C ALA A 167 13.03 12.27 -5.21
N ASN A 168 12.71 13.56 -5.18
CA ASN A 168 13.40 14.50 -6.06
C ASN A 168 14.87 14.68 -5.68
N ASN A 169 15.26 14.28 -4.47
CA ASN A 169 16.64 14.36 -4.03
C ASN A 169 17.20 13.04 -3.53
N THR A 170 16.43 11.95 -3.61
CA THR A 170 16.80 10.67 -3.03
C THR A 170 16.74 9.61 -4.12
N GLU A 171 17.90 9.07 -4.51
CA GLU A 171 17.95 8.02 -5.51
C GLU A 171 17.74 6.63 -4.90
N ASP A 172 18.02 6.48 -3.61
CA ASP A 172 17.89 5.20 -2.92
C ASP A 172 16.42 4.92 -2.62
N CYS A 173 15.90 3.79 -3.13
CA CYS A 173 14.50 3.44 -2.87
C CYS A 173 14.29 2.98 -1.43
N ILE A 174 15.35 2.51 -0.76
CA ILE A 174 15.21 2.15 0.65
C ILE A 174 14.98 3.39 1.49
N GLU A 175 15.85 4.40 1.36
CA GLU A 175 15.65 5.65 2.12
C GLU A 175 14.31 6.28 1.81
N LEU A 176 13.87 6.20 0.55
CA LEU A 176 12.57 6.74 0.18
C LEU A 176 11.45 6.02 0.92
N MET A 177 11.47 4.69 0.91
CA MET A 177 10.43 3.91 1.59
C MET A 177 10.41 4.19 3.09
N GLU A 178 11.58 4.35 3.71
CA GLU A 178 11.63 4.70 5.13
C GLU A 178 10.96 6.04 5.38
N TYR A 179 11.21 7.03 4.51
CA TYR A 179 10.56 8.33 4.68
C TYR A 179 9.06 8.23 4.45
N ILE A 180 8.65 7.47 3.43
CA ILE A 180 7.22 7.28 3.19
C ILE A 180 6.54 6.73 4.44
N ILE A 181 7.18 5.75 5.08
CA ILE A 181 6.59 5.11 6.26
C ILE A 181 6.52 6.10 7.42
N VAL A 182 7.56 6.91 7.61
CA VAL A 182 7.53 7.89 8.69
C VAL A 182 6.35 8.83 8.54
N LYS A 183 6.14 9.34 7.33
CA LYS A 183 5.08 10.32 7.13
C LYS A 183 3.70 9.69 7.03
N ALA A 184 3.62 8.44 6.56
CA ALA A 184 2.34 7.74 6.59
C ALA A 184 1.92 7.45 8.03
N ASN A 185 2.90 7.15 8.89
CA ASN A 185 2.61 6.97 10.31
C ASN A 185 2.08 8.24 10.95
N GLU A 186 2.67 9.40 10.59
CA GLU A 186 2.15 10.66 11.12
C GLU A 186 0.73 10.92 10.65
N SER A 187 0.46 10.64 9.37
CA SER A 187 -0.91 10.80 8.87
C SER A 187 -1.87 9.86 9.59
N LEU A 188 -1.46 8.60 9.80
CA LEU A 188 -2.35 7.65 10.46
C LEU A 188 -2.66 8.09 11.89
N GLU A 189 -1.65 8.58 12.62
CA GLU A 189 -1.87 9.05 13.99
C GLU A 189 -2.78 10.28 14.03
N ASN A 190 -2.90 10.99 12.91
CA ASN A 190 -3.75 12.17 12.83
C ASN A 190 -5.17 11.84 12.37
N THR A 191 -5.44 10.61 11.92
CA THR A 191 -6.79 10.30 11.44
C THR A 191 -7.89 10.57 12.47
N PRO A 192 -7.70 10.39 13.78
CA PRO A 192 -8.80 10.72 14.72
C PRO A 192 -9.18 12.19 14.74
N ASN A 193 -8.30 13.08 14.27
CA ASN A 193 -8.62 14.50 14.20
C ASN A 193 -9.49 14.85 13.00
N LEU A 194 -9.72 13.91 12.09
CA LEU A 194 -10.53 14.12 10.90
C LEU A 194 -11.85 13.38 10.92
N LEU A 195 -11.94 12.29 11.67
CA LEU A 195 -13.09 11.39 11.65
C LEU A 195 -13.56 11.23 13.10
N ALA A 196 -14.74 11.76 13.40
CA ALA A 196 -15.17 11.91 14.80
C ALA A 196 -15.17 10.59 15.56
N VAL A 197 -15.67 9.51 14.94
CA VAL A 197 -15.81 8.24 15.64
C VAL A 197 -14.45 7.70 16.09
N LEU A 198 -13.38 7.99 15.34
CA LEU A 198 -12.05 7.52 15.75
C LEU A 198 -11.60 8.18 17.05
N LYS A 199 -11.83 9.49 17.17
CA LYS A 199 -11.44 10.19 18.38
C LYS A 199 -12.30 9.78 19.56
N GLU A 200 -13.60 9.58 19.32
CA GLU A 200 -14.52 9.28 20.41
C GLU A 200 -14.27 7.88 20.98
N VAL A 201 -13.79 6.97 20.15
CA VAL A 201 -13.46 5.62 20.61
C VAL A 201 -12.00 5.50 21.01
N GLY A 202 -11.11 6.27 20.39
CA GLY A 202 -9.70 6.27 20.76
C GLY A 202 -8.85 5.31 19.95
N VAL A 203 -9.04 5.29 18.64
CA VAL A 203 -8.30 4.42 17.74
C VAL A 203 -7.94 5.18 16.49
N VAL A 204 -6.92 4.69 15.78
CA VAL A 204 -6.58 5.19 14.45
C VAL A 204 -7.40 4.42 13.43
N ASP A 205 -7.37 4.85 12.17
CA ASP A 205 -8.19 4.20 11.15
C ASP A 205 -7.68 2.80 10.85
N SER A 206 -8.59 1.83 10.81
CA SER A 206 -8.19 0.45 10.56
C SER A 206 -7.70 0.26 9.12
N GLY A 207 -8.36 0.89 8.14
CA GLY A 207 -7.89 0.78 6.77
C GLY A 207 -6.51 1.36 6.57
N GLY A 208 -6.25 2.53 7.19
CA GLY A 208 -4.92 3.11 7.12
C GLY A 208 -3.87 2.30 7.85
N LYS A 209 -4.28 1.64 8.94
CA LYS A 209 -3.34 0.78 9.65
C LYS A 209 -2.96 -0.44 8.81
N GLY A 210 -3.93 -1.02 8.11
CA GLY A 210 -3.61 -2.11 7.21
C GLY A 210 -2.71 -1.70 6.06
N LEU A 211 -2.94 -0.50 5.51
CA LEU A 211 -2.07 -0.01 4.44
C LEU A 211 -0.63 0.19 4.93
N LEU A 212 -0.47 0.73 6.14
CA LEU A 212 0.86 0.87 6.70
C LEU A 212 1.54 -0.48 6.89
N CYS A 213 0.76 -1.51 7.22
CA CYS A 213 1.30 -2.85 7.36
C CYS A 213 1.87 -3.35 6.04
N VAL A 214 1.17 -3.06 4.94
CA VAL A 214 1.68 -3.43 3.62
C VAL A 214 2.95 -2.64 3.29
N TYR A 215 2.95 -1.33 3.59
CA TYR A 215 4.11 -0.50 3.29
C TYR A 215 5.34 -0.94 4.08
N GLU A 216 5.14 -1.43 5.30
CA GLU A 216 6.29 -1.90 6.07
C GLU A 216 6.85 -3.20 5.50
N GLY A 217 6.00 -4.04 4.91
CA GLY A 217 6.51 -5.20 4.18
C GLY A 217 7.29 -4.80 2.94
N PHE A 218 6.81 -3.77 2.23
CA PHE A 218 7.56 -3.22 1.10
C PHE A 218 8.99 -2.88 1.51
N LEU A 219 9.14 -2.21 2.65
CA LEU A 219 10.47 -1.80 3.11
C LEU A 219 11.33 -3.01 3.44
N LYS A 220 10.74 -4.03 4.08
CA LYS A 220 11.50 -5.23 4.40
C LYS A 220 12.07 -5.86 3.13
N ALA A 221 11.24 -5.95 2.08
CA ALA A 221 11.70 -6.54 0.83
C ALA A 221 12.78 -5.69 0.17
N LEU A 222 12.65 -4.38 0.21
CA LEU A 222 13.67 -3.51 -0.37
C LEU A 222 15.02 -3.71 0.31
N LYS A 223 15.01 -4.04 1.60
CA LYS A 223 16.24 -4.31 2.33
C LYS A 223 16.71 -5.74 2.17
N GLY A 224 16.12 -6.51 1.26
CA GLY A 224 16.49 -7.91 1.10
C GLY A 224 16.14 -8.77 2.30
N GLU A 225 15.01 -8.49 2.94
CA GLU A 225 14.65 -9.12 4.19
C GLU A 225 13.30 -9.81 4.06
N LYS A 226 13.02 -10.73 4.97
CA LYS A 226 11.78 -11.49 4.98
C LYS A 226 11.01 -11.21 6.27
N VAL A 227 9.69 -11.12 6.15
CA VAL A 227 8.83 -10.87 7.31
C VAL A 227 8.55 -12.19 8.04
P AMP B . -13.91 -2.45 5.80
O1P AMP B . -15.25 -1.95 5.33
O2P AMP B . -13.89 -2.82 7.26
O3P AMP B . -13.27 -3.51 4.93
O5' AMP B . -12.96 -1.18 5.64
C5' AMP B . -12.91 -0.15 6.61
C4' AMP B . -12.03 0.99 6.16
O4' AMP B . -12.42 1.39 4.83
C3' AMP B . -12.13 2.27 6.97
O3' AMP B . -11.37 2.22 8.16
C2' AMP B . -11.62 3.33 5.98
O2' AMP B . -10.21 3.38 5.97
C1' AMP B . -12.10 2.76 4.64
N9 AMP B . -13.27 3.46 4.11
C8 AMP B . -14.56 3.07 4.20
N7 AMP B . -15.39 3.96 3.59
C5 AMP B . -14.61 4.95 3.11
C6 AMP B . -14.84 6.21 2.36
N6 AMP B . -16.09 6.61 2.01
N1 AMP B . -13.75 6.96 2.05
C2 AMP B . -12.51 6.58 2.40
N3 AMP B . -12.23 5.46 3.07
C4 AMP B . -13.23 4.62 3.45
C1 GOL C . -16.83 0.51 -1.41
O1 GOL C . -17.12 -0.43 -2.40
C2 GOL C . -15.69 1.42 -1.95
O2 GOL C . -16.06 2.09 -3.11
C3 GOL C . -15.37 2.38 -0.78
O3 GOL C . -16.56 3.05 -0.45
MG MG D . -15.49 -3.46 8.42
MG MG E . -17.55 -8.26 6.82
MG MG F . 19.72 -6.03 3.24
#